data_5I0K
#
_entry.id   5I0K
#
_cell.length_a   83.947
_cell.length_b   83.947
_cell.length_c   166.982
_cell.angle_alpha   90.00
_cell.angle_beta   90.00
_cell.angle_gamma   90.00
#
_symmetry.space_group_name_H-M   'P 43 21 2'
#
loop_
_entity.id
_entity.type
_entity.pdbx_description
1 polymer 'Phthiocerol synthesis polyketide synthase type I PpsC'
2 non-polymer 'CROTONYL COENZYME A'
#
_entity_poly.entity_id   1
_entity_poly.type   'polypeptide(L)'
_entity_poly.pdbx_seq_one_letter_code
;MGSSHHHHHHSSGLVPRGSHMAYHRPDTHPLLGVGVTDPTNGTRVWESELDPDLLWLADFVIDDLVVLPGAAYAEIALAA
ATDTFAVEQDQPWMISELDLRQMLHVTPGTVLVTTLTGDEQRCQVEIRTRSGSSGWTTHATATVARAEPLAPLDHEGQRR
EVTTADLEDQLDPDDLYQRLRGAGQQHGPAFQGIVGLAVTQAGVARAQVRLPASARTGSREFMLHPVMMDIALQTLGATR
TATDLAGGQDARQGPSSNSALVVPVRFAGVHVYGDITRGVRAVGSLAAAGDRLVGEVVLTDANGQPLLVVDEVEMAVLTS
GS
;
_entity_poly.pdbx_strand_id   A
#
loop_
_chem_comp.id
_chem_comp.type
_chem_comp.name
_chem_comp.formula
COO non-polymer 'CROTONYL COENZYME A' 'C25 H40 N7 O17 P3 S'
#
# COMPACT_ATOMS: atom_id res chain seq x y z
N ASP A 27 20.83 -2.29 -8.17
CA ASP A 27 21.15 -1.52 -6.97
C ASP A 27 20.27 -0.28 -6.87
N THR A 28 19.35 -0.13 -7.82
CA THR A 28 18.47 1.03 -7.90
C THR A 28 17.02 0.60 -7.68
N HIS A 29 16.28 1.43 -6.96
CA HIS A 29 14.88 1.14 -6.66
C HIS A 29 14.07 1.16 -7.94
N PRO A 30 13.41 0.06 -8.32
CA PRO A 30 12.68 0.04 -9.60
C PRO A 30 11.46 0.94 -9.64
N LEU A 31 10.99 1.45 -8.50
CA LEU A 31 9.82 2.33 -8.48
C LEU A 31 10.17 3.79 -8.22
N LEU A 32 11.15 4.07 -7.36
CA LEU A 32 11.54 5.45 -7.13
C LEU A 32 12.34 6.01 -8.30
N GLY A 33 13.23 5.19 -8.87
CA GLY A 33 14.13 5.65 -9.90
C GLY A 33 15.24 6.51 -9.31
N VAL A 34 16.24 6.86 -10.13
CA VAL A 34 17.31 7.71 -9.66
C VAL A 34 16.83 9.16 -9.61
N GLY A 35 17.48 9.95 -8.75
CA GLY A 35 17.07 11.33 -8.57
C GLY A 35 18.22 12.24 -8.22
N VAL A 36 17.99 13.53 -8.45
CA VAL A 36 18.96 14.58 -8.19
C VAL A 36 18.30 15.70 -7.41
N THR A 37 19.12 16.61 -6.90
CA THR A 37 18.68 17.67 -6.00
C THR A 37 18.67 19.01 -6.73
N ASP A 38 17.62 19.80 -6.48
CA ASP A 38 17.46 21.10 -7.11
C ASP A 38 18.11 22.16 -6.23
N PRO A 39 19.22 22.77 -6.64
CA PRO A 39 19.89 23.75 -5.77
C PRO A 39 19.20 25.10 -5.70
N THR A 40 18.34 25.43 -6.67
CA THR A 40 17.65 26.72 -6.62
C THR A 40 16.73 26.80 -5.42
N ASN A 41 16.07 25.69 -5.08
CA ASN A 41 15.32 25.59 -3.83
C ASN A 41 15.93 24.50 -2.96
N GLY A 42 15.09 23.75 -2.25
CA GLY A 42 15.57 22.65 -1.45
C GLY A 42 15.01 21.32 -1.89
N THR A 43 14.21 21.34 -2.95
CA THR A 43 13.53 20.14 -3.42
C THR A 43 14.50 19.12 -3.97
N ARG A 44 14.06 17.87 -4.03
CA ARG A 44 14.77 16.80 -4.69
C ARG A 44 13.79 16.01 -5.55
N VAL A 45 14.18 15.71 -6.78
CA VAL A 45 13.30 15.08 -7.75
C VAL A 45 13.80 13.67 -8.04
N TRP A 46 12.88 12.80 -8.46
CA TRP A 46 13.19 11.43 -8.87
C TRP A 46 12.40 11.11 -10.12
N GLU A 47 13.01 10.37 -11.05
CA GLU A 47 12.32 9.92 -12.25
C GLU A 47 12.58 8.43 -12.45
N SER A 48 11.53 7.71 -12.86
CA SER A 48 11.59 6.27 -13.01
C SER A 48 10.76 5.85 -14.21
N GLU A 49 11.26 4.85 -14.95
CA GLU A 49 10.51 4.27 -16.06
C GLU A 49 9.56 3.21 -15.52
N LEU A 50 8.28 3.34 -15.86
CA LEU A 50 7.27 2.36 -15.49
C LEU A 50 6.73 1.68 -16.73
N ASP A 51 6.16 0.50 -16.53
CA ASP A 51 5.67 -0.33 -17.63
C ASP A 51 4.74 -1.39 -17.06
N PRO A 52 3.76 -1.85 -17.84
CA PRO A 52 2.96 -3.01 -17.41
C PRO A 52 3.78 -4.28 -17.34
N ASP A 53 4.94 -4.33 -17.98
CA ASP A 53 5.84 -5.48 -17.92
C ASP A 53 6.75 -5.46 -16.70
N LEU A 54 6.80 -4.35 -15.96
CA LEU A 54 7.66 -4.23 -14.79
C LEU A 54 7.13 -5.12 -13.68
N LEU A 55 7.76 -6.28 -13.49
CA LEU A 55 7.57 -7.12 -12.31
C LEU A 55 6.10 -7.51 -12.22
N TRP A 56 5.45 -7.33 -11.07
CA TRP A 56 4.08 -7.75 -10.81
C TRP A 56 3.05 -6.66 -11.09
N LEU A 57 3.43 -5.60 -11.81
CA LEU A 57 2.51 -4.50 -12.05
C LEU A 57 1.28 -4.95 -12.81
N ALA A 58 1.44 -5.89 -13.74
CA ALA A 58 0.31 -6.33 -14.55
C ALA A 58 -0.78 -6.99 -13.72
N ASP A 59 -0.42 -7.53 -12.55
CA ASP A 59 -1.38 -8.30 -11.77
C ASP A 59 -2.48 -7.43 -11.17
N PHE A 60 -2.16 -6.19 -10.78
CA PHE A 60 -3.20 -5.28 -10.32
C PHE A 60 -4.00 -4.77 -11.53
N VAL A 61 -5.31 -4.97 -11.49
CA VAL A 61 -6.19 -4.60 -12.59
C VAL A 61 -7.51 -4.09 -12.03
N ILE A 62 -7.92 -2.92 -12.46
CA ILE A 62 -9.24 -2.36 -12.15
C ILE A 62 -9.96 -2.14 -13.47
N ASP A 63 -10.96 -2.97 -13.75
CA ASP A 63 -11.74 -2.93 -14.99
C ASP A 63 -10.81 -3.03 -16.21
N ASP A 64 -10.04 -4.11 -16.24
CA ASP A 64 -9.18 -4.47 -17.36
C ASP A 64 -8.09 -3.42 -17.64
N LEU A 65 -7.76 -2.60 -16.64
CA LEU A 65 -6.70 -1.60 -16.77
C LEU A 65 -5.65 -1.82 -15.67
N VAL A 66 -4.39 -1.65 -16.03
CA VAL A 66 -3.28 -1.89 -15.12
C VAL A 66 -3.08 -0.66 -14.23
N VAL A 67 -3.91 -0.50 -13.24
CA VAL A 67 -3.77 0.62 -12.31
C VAL A 67 -2.61 0.39 -11.35
N LEU A 68 -2.18 1.40 -10.64
CA LEU A 68 -1.12 1.24 -9.71
C LEU A 68 -1.76 1.10 -8.39
N PRO A 69 -1.32 0.12 -7.64
CA PRO A 69 -1.88 -0.12 -6.33
C PRO A 69 -1.51 0.94 -5.36
N GLY A 70 -2.45 1.32 -4.53
CA GLY A 70 -2.26 2.32 -3.50
C GLY A 70 -1.07 2.08 -2.62
N ALA A 71 -0.81 0.84 -2.24
CA ALA A 71 0.34 0.49 -1.46
C ALA A 71 1.66 1.00 -2.00
N ALA A 72 1.86 0.95 -3.30
CA ALA A 72 3.07 1.40 -3.92
C ALA A 72 3.50 2.78 -3.55
N TYR A 73 2.56 3.73 -3.51
CA TYR A 73 2.91 5.09 -3.16
C TYR A 73 3.59 5.20 -1.83
N ALA A 74 3.07 4.50 -0.85
CA ALA A 74 3.67 4.47 0.44
C ALA A 74 5.09 3.98 0.29
N GLU A 75 5.28 2.94 -0.48
CA GLU A 75 6.66 2.46 -0.63
C GLU A 75 7.56 3.56 -1.16
N ILE A 76 7.12 4.24 -2.22
CA ILE A 76 7.95 5.26 -2.85
C ILE A 76 8.19 6.42 -1.89
N ALA A 77 7.18 6.77 -1.09
CA ALA A 77 7.33 7.88 -0.17
C ALA A 77 8.41 7.62 0.87
N LEU A 78 8.58 6.36 1.29
CA LEU A 78 9.60 6.04 2.29
C LEU A 78 11.00 6.06 1.70
N ALA A 79 11.19 5.38 0.57
CA ALA A 79 12.51 5.31 -0.04
C ALA A 79 13.04 6.70 -0.39
N ALA A 80 12.13 7.64 -0.71
CA ALA A 80 12.56 9.00 -0.99
C ALA A 80 13.24 9.62 0.23
N ALA A 81 12.63 9.46 1.41
CA ALA A 81 13.24 9.97 2.63
C ALA A 81 14.52 9.21 2.97
N THR A 82 14.63 7.95 2.53
CA THR A 82 15.83 7.18 2.82
C THR A 82 16.99 7.60 1.92
N ASP A 83 16.73 7.85 0.64
CA ASP A 83 17.78 8.32 -0.26
C ASP A 83 18.14 9.79 -0.03
N THR A 84 17.40 10.48 0.85
CA THR A 84 17.65 11.89 1.13
C THR A 84 18.35 12.13 2.46
N PHE A 85 18.14 11.27 3.44
CA PHE A 85 18.67 11.49 4.79
C PHE A 85 19.46 10.29 5.26
N ALA A 86 20.49 10.55 6.06
CA ALA A 86 21.31 9.50 6.65
C ALA A 86 20.67 9.04 7.95
N VAL A 87 20.39 7.74 8.04
CA VAL A 87 19.77 7.14 9.21
C VAL A 87 20.38 5.77 9.45
N GLU A 88 20.72 5.47 10.70
CA GLU A 88 21.26 4.16 11.04
C GLU A 88 20.20 3.33 11.76
N GLN A 89 19.05 3.15 11.11
CA GLN A 89 17.99 2.30 11.62
C GLN A 89 17.40 1.51 10.46
N ASP A 90 16.77 0.37 10.79
CA ASP A 90 16.15 -0.44 9.76
C ASP A 90 14.75 0.03 9.40
N GLN A 91 14.15 0.88 10.24
CA GLN A 91 12.83 1.45 9.96
C GLN A 91 12.70 2.77 10.71
N PRO A 92 13.39 3.81 10.24
CA PRO A 92 13.37 5.11 10.94
C PRO A 92 12.21 6.01 10.55
N TRP A 93 11.43 5.65 9.54
CA TRP A 93 10.37 6.51 9.03
C TRP A 93 9.00 5.90 9.27
N MET A 94 8.03 6.78 9.53
CA MET A 94 6.63 6.42 9.57
C MET A 94 5.86 7.39 8.68
N ILE A 95 4.72 6.93 8.17
CA ILE A 95 3.88 7.73 7.29
C ILE A 95 2.74 8.33 8.10
N SER A 96 2.66 9.66 8.08
CA SER A 96 1.65 10.38 8.85
C SER A 96 0.34 10.52 8.08
N GLU A 97 0.41 10.98 6.84
CA GLU A 97 -0.78 11.22 6.03
C GLU A 97 -0.46 10.88 4.58
N LEU A 98 -1.46 10.38 3.86
CA LEU A 98 -1.24 9.84 2.52
C LEU A 98 -2.53 10.02 1.71
N ASP A 99 -2.67 11.19 1.11
CA ASP A 99 -3.78 11.43 0.20
C ASP A 99 -3.45 10.88 -1.18
N LEU A 100 -4.49 10.40 -1.87
CA LEU A 100 -4.35 9.79 -3.19
C LEU A 100 -5.39 10.42 -4.10
N ARG A 101 -4.95 11.31 -5.00
CA ARG A 101 -5.88 12.17 -5.71
C ARG A 101 -6.50 11.49 -6.92
N GLN A 102 -5.68 10.88 -7.77
CA GLN A 102 -6.18 10.22 -8.96
C GLN A 102 -5.36 8.97 -9.25
N MET A 103 -6.04 7.93 -9.76
CA MET A 103 -5.35 6.70 -10.11
C MET A 103 -4.37 6.94 -11.24
N LEU A 104 -3.48 5.97 -11.45
CA LEU A 104 -2.41 6.07 -12.43
C LEU A 104 -2.54 4.89 -13.39
N HIS A 105 -3.04 5.15 -14.59
CA HIS A 105 -3.08 4.12 -15.63
C HIS A 105 -1.66 3.81 -16.07
N VAL A 106 -1.18 2.62 -15.75
CA VAL A 106 0.16 2.21 -16.17
C VAL A 106 0.12 1.86 -17.65
N THR A 107 0.40 2.83 -18.46
CA THR A 107 0.61 2.68 -19.89
C THR A 107 2.10 2.49 -20.17
N PRO A 108 2.47 1.83 -21.26
CA PRO A 108 3.88 1.63 -21.56
C PRO A 108 4.63 2.95 -21.70
N GLY A 109 5.90 2.94 -21.30
CA GLY A 109 6.72 4.13 -21.38
C GLY A 109 6.33 5.22 -20.42
N THR A 110 5.59 4.89 -19.35
CA THR A 110 5.18 5.89 -18.39
C THR A 110 6.35 6.28 -17.49
N VAL A 111 6.51 7.57 -17.28
CA VAL A 111 7.55 8.11 -16.41
C VAL A 111 6.89 8.62 -15.13
N LEU A 112 7.46 8.22 -13.99
CA LEU A 112 6.93 8.60 -12.69
C LEU A 112 7.86 9.62 -12.05
N VAL A 113 7.29 10.75 -11.63
CA VAL A 113 8.04 11.87 -11.08
C VAL A 113 7.71 12.01 -9.60
N THR A 114 8.74 12.06 -8.77
CA THR A 114 8.58 12.20 -7.32
C THR A 114 9.38 13.39 -6.83
N THR A 115 8.80 14.13 -5.88
CA THR A 115 9.42 15.33 -5.32
C THR A 115 9.41 15.23 -3.80
N LEU A 116 10.53 15.53 -3.18
CA LEU A 116 10.66 15.55 -1.73
C LEU A 116 11.03 16.95 -1.26
N THR A 117 10.41 17.38 -0.15
CA THR A 117 10.70 18.69 0.42
C THR A 117 10.43 18.65 1.91
N GLY A 118 11.38 19.13 2.69
CA GLY A 118 11.26 19.13 4.14
C GLY A 118 12.57 18.83 4.85
N ASP A 119 12.47 18.20 6.03
CA ASP A 119 13.62 17.86 6.85
C ASP A 119 13.52 16.40 7.28
N GLU A 120 14.51 15.96 8.06
CA GLU A 120 14.57 14.57 8.50
C GLU A 120 13.58 14.26 9.62
N GLN A 121 13.08 15.29 10.31
CA GLN A 121 12.04 15.05 11.30
C GLN A 121 10.66 14.97 10.65
N ARG A 122 10.48 15.66 9.51
CA ARG A 122 9.19 15.74 8.84
C ARG A 122 9.38 16.42 7.49
N CYS A 123 8.76 15.86 6.46
CA CYS A 123 8.91 16.38 5.10
C CYS A 123 7.59 16.16 4.35
N GLN A 124 7.65 16.37 3.04
CA GLN A 124 6.50 16.19 2.16
C GLN A 124 6.96 15.50 0.89
N VAL A 125 6.11 14.62 0.34
CA VAL A 125 6.41 13.91 -0.89
C VAL A 125 5.21 13.99 -1.81
N GLU A 126 5.45 14.34 -3.07
CA GLU A 126 4.44 14.34 -4.11
C GLU A 126 4.84 13.35 -5.20
N ILE A 127 3.90 12.51 -5.62
CA ILE A 127 4.14 11.53 -6.67
C ILE A 127 3.26 11.90 -7.86
N ARG A 128 3.88 12.21 -8.99
CA ARG A 128 3.18 12.70 -10.16
C ARG A 128 3.64 11.93 -11.40
N THR A 129 2.94 12.18 -12.49
CA THR A 129 3.21 11.55 -13.77
C THR A 129 3.51 12.63 -14.76
N ARG A 130 4.51 12.42 -15.61
CA ARG A 130 4.92 13.44 -16.55
C ARG A 130 4.42 13.33 -17.96
N SER A 131 4.02 14.48 -18.48
CA SER A 131 3.55 14.61 -19.83
C SER A 131 4.61 15.31 -20.62
N GLY A 132 5.19 14.60 -21.55
CA GLY A 132 6.20 15.16 -22.38
C GLY A 132 7.38 15.51 -21.54
N SER A 133 7.46 16.76 -21.12
CA SER A 133 8.58 17.16 -20.31
C SER A 133 8.19 18.26 -19.37
N SER A 134 7.14 18.99 -19.66
CA SER A 134 6.77 20.08 -18.79
C SER A 134 5.37 20.12 -18.33
N GLY A 135 4.71 18.99 -18.29
CA GLY A 135 3.34 18.97 -17.81
C GLY A 135 3.22 17.77 -16.91
N TRP A 136 2.63 17.93 -15.73
CA TRP A 136 2.53 16.83 -14.81
C TRP A 136 1.19 16.71 -14.18
N THR A 137 0.92 15.56 -13.60
CA THR A 137 -0.36 15.28 -12.94
C THR A 137 -0.03 14.54 -11.65
N THR A 138 -0.31 15.18 -10.51
CA THR A 138 -0.03 14.54 -9.23
C THR A 138 -1.06 13.47 -8.93
N HIS A 139 -0.60 12.36 -8.35
CA HIS A 139 -1.50 11.27 -7.97
C HIS A 139 -1.56 11.03 -6.47
N ALA A 140 -0.57 11.48 -5.71
CA ALA A 140 -0.54 11.21 -4.27
C ALA A 140 0.39 12.19 -3.58
N THR A 141 -0.15 12.96 -2.65
CA THR A 141 0.64 13.78 -1.75
C THR A 141 0.80 13.04 -0.42
N ALA A 142 1.93 13.28 0.25
CA ALA A 142 2.28 12.48 1.42
C ALA A 142 3.00 13.34 2.45
N THR A 143 2.96 12.86 3.69
CA THR A 143 3.73 13.44 4.80
C THR A 143 4.45 12.31 5.53
N VAL A 144 5.74 12.50 5.79
CA VAL A 144 6.58 11.48 6.40
C VAL A 144 7.31 12.09 7.59
N ALA A 145 7.43 11.33 8.68
CA ALA A 145 8.13 11.77 9.88
C ALA A 145 8.93 10.61 10.44
N ARG A 146 9.60 10.87 11.57
CA ARG A 146 10.39 9.83 12.22
C ARG A 146 9.50 8.74 12.78
N ALA A 147 10.05 7.53 12.89
CA ALA A 147 9.29 6.39 13.38
C ALA A 147 9.20 6.42 14.91
N GLU A 148 8.18 5.75 15.43
CA GLU A 148 7.90 5.66 16.85
C GLU A 148 8.20 4.26 17.36
N PRO A 149 8.26 4.08 18.69
CA PRO A 149 8.44 2.73 19.25
C PRO A 149 7.29 1.81 18.84
N LEU A 150 7.51 0.52 19.10
CA LEU A 150 6.60 -0.54 18.67
C LEU A 150 5.17 -0.33 19.17
N THR A 163 -11.21 -12.07 25.07
CA THR A 163 -11.67 -13.31 24.45
C THR A 163 -13.08 -13.60 24.92
N THR A 164 -14.08 -13.28 24.10
CA THR A 164 -15.46 -13.50 24.48
C THR A 164 -16.47 -14.06 23.49
N ALA A 165 -16.74 -13.29 22.44
CA ALA A 165 -17.68 -13.69 21.42
C ALA A 165 -17.17 -13.21 20.08
N ASP A 166 -16.10 -13.83 19.61
CA ASP A 166 -15.55 -13.52 18.34
C ASP A 166 -15.41 -14.88 17.76
N LEU A 167 -16.53 -15.41 17.36
CA LEU A 167 -16.59 -16.72 16.80
C LEU A 167 -16.36 -16.61 15.34
N GLU A 168 -15.33 -17.28 14.87
CA GLU A 168 -14.99 -17.21 13.49
C GLU A 168 -15.69 -18.19 12.60
N ASP A 169 -16.23 -17.71 11.50
CA ASP A 169 -16.84 -18.51 10.46
C ASP A 169 -15.86 -18.66 9.31
N GLN A 170 -15.33 -19.87 9.13
CA GLN A 170 -14.31 -20.10 8.12
C GLN A 170 -14.84 -19.77 6.73
N LEU A 171 -14.13 -18.89 6.04
CA LEU A 171 -14.55 -18.35 4.75
C LEU A 171 -13.60 -18.82 3.65
N ASP A 172 -14.14 -18.92 2.44
CA ASP A 172 -13.35 -19.34 1.28
C ASP A 172 -12.72 -18.11 0.63
N PRO A 173 -11.39 -18.04 0.49
CA PRO A 173 -10.80 -16.90 -0.22
C PRO A 173 -11.26 -16.78 -1.66
N ASP A 174 -11.40 -17.90 -2.37
CA ASP A 174 -11.80 -17.88 -3.77
C ASP A 174 -13.22 -17.37 -3.98
N ASP A 175 -13.96 -17.07 -2.91
CA ASP A 175 -15.20 -16.31 -3.04
C ASP A 175 -14.94 -14.80 -2.97
N LEU A 176 -14.01 -14.38 -2.11
CA LEU A 176 -13.65 -12.97 -2.03
C LEU A 176 -13.01 -12.50 -3.32
N TYR A 177 -12.00 -13.24 -3.74
CA TYR A 177 -11.31 -12.93 -4.93
C TYR A 177 -12.37 -12.87 -5.96
N GLN A 178 -13.22 -13.87 -6.06
CA GLN A 178 -14.30 -13.82 -7.03
C GLN A 178 -15.22 -12.63 -6.81
N ARG A 179 -15.52 -12.31 -5.56
CA ARG A 179 -16.34 -11.17 -5.30
C ARG A 179 -15.60 -9.98 -5.80
N LEU A 180 -14.36 -9.83 -5.36
CA LEU A 180 -13.56 -8.68 -5.74
C LEU A 180 -13.41 -8.60 -7.23
N ARG A 181 -13.10 -9.71 -7.86
CA ARG A 181 -12.94 -9.73 -9.28
C ARG A 181 -14.23 -9.44 -9.95
N GLY A 182 -15.30 -10.03 -9.43
CA GLY A 182 -16.61 -9.81 -9.97
C GLY A 182 -16.96 -8.35 -10.06
N ALA A 183 -16.74 -7.63 -8.97
CA ALA A 183 -17.05 -6.20 -8.92
C ALA A 183 -16.28 -5.44 -10.00
N GLY A 184 -15.03 -5.82 -10.20
CA GLY A 184 -14.19 -5.18 -11.20
C GLY A 184 -12.75 -5.08 -10.76
N GLN A 185 -12.36 -5.90 -9.79
CA GLN A 185 -11.00 -5.90 -9.28
C GLN A 185 -10.33 -7.26 -9.50
N GLN A 186 -9.95 -7.52 -10.75
CA GLN A 186 -9.30 -8.79 -11.10
C GLN A 186 -7.86 -8.82 -10.58
N HIS A 187 -7.68 -9.32 -9.36
CA HIS A 187 -6.37 -9.42 -8.76
C HIS A 187 -5.50 -10.44 -9.48
N GLY A 188 -4.20 -10.22 -9.47
CA GLY A 188 -3.28 -11.11 -10.12
C GLY A 188 -2.70 -12.08 -9.16
N PRO A 189 -2.02 -13.06 -9.69
CA PRO A 189 -1.48 -14.08 -8.84
C PRO A 189 -0.62 -13.50 -7.76
N ALA A 190 0.24 -12.57 -8.06
CA ALA A 190 1.08 -12.06 -7.02
C ALA A 190 0.32 -11.37 -5.92
N PHE A 191 -0.94 -11.11 -6.15
CA PHE A 191 -1.76 -10.47 -5.16
C PHE A 191 -2.75 -11.44 -4.54
N GLN A 192 -2.60 -12.73 -4.77
CA GLN A 192 -3.49 -13.70 -4.17
C GLN A 192 -2.73 -14.26 -3.01
N GLY A 193 -2.49 -13.45 -1.99
CA GLY A 193 -1.74 -13.89 -0.85
C GLY A 193 -2.57 -14.34 0.32
N ILE A 194 -3.87 -14.18 0.21
CA ILE A 194 -4.71 -14.61 1.30
C ILE A 194 -5.07 -16.04 1.05
N VAL A 195 -4.46 -16.94 1.82
CA VAL A 195 -4.71 -18.36 1.65
C VAL A 195 -5.79 -18.87 2.60
N GLY A 196 -6.18 -18.09 3.60
CA GLY A 196 -7.21 -18.47 4.54
C GLY A 196 -7.69 -17.27 5.33
N LEU A 197 -8.99 -17.16 5.55
CA LEU A 197 -9.53 -15.99 6.23
C LEU A 197 -10.90 -16.32 6.81
N ALA A 198 -11.28 -15.54 7.82
CA ALA A 198 -12.58 -15.68 8.46
C ALA A 198 -12.94 -14.35 9.13
N VAL A 199 -14.22 -14.19 9.45
CA VAL A 199 -14.72 -12.99 10.11
C VAL A 199 -15.36 -13.39 11.43
N THR A 200 -15.11 -12.59 12.48
CA THR A 200 -15.71 -12.85 13.77
C THR A 200 -17.17 -12.41 13.78
N GLN A 201 -17.88 -12.78 14.84
CA GLN A 201 -19.29 -12.45 14.99
C GLN A 201 -19.50 -10.98 15.36
N ALA A 202 -18.49 -10.15 15.13
CA ALA A 202 -18.57 -8.73 15.42
C ALA A 202 -18.24 -7.83 14.24
N GLY A 203 -17.52 -8.33 13.23
CA GLY A 203 -17.15 -7.51 12.09
C GLY A 203 -15.68 -7.59 11.77
N VAL A 204 -14.85 -7.87 12.78
CA VAL A 204 -13.42 -7.97 12.56
C VAL A 204 -13.11 -9.15 11.67
N ALA A 205 -12.17 -8.96 10.75
CA ALA A 205 -11.74 -9.98 9.81
C ALA A 205 -10.33 -10.44 10.15
N ARG A 206 -10.13 -11.74 10.15
CA ARG A 206 -8.83 -12.35 10.40
C ARG A 206 -8.44 -13.20 9.21
N ALA A 207 -7.21 -13.02 8.72
CA ALA A 207 -6.78 -13.68 7.49
C ALA A 207 -5.33 -14.16 7.64
N GLN A 208 -5.08 -15.38 7.17
CA GLN A 208 -3.74 -15.94 7.11
C GLN A 208 -3.16 -15.61 5.74
N VAL A 209 -2.21 -14.68 5.69
CA VAL A 209 -1.66 -14.17 4.45
C VAL A 209 -0.25 -14.69 4.27
N ARG A 210 0.19 -14.70 3.01
CA ARG A 210 1.56 -15.08 2.68
C ARG A 210 1.97 -14.34 1.42
N LEU A 211 3.28 -14.31 1.17
CA LEU A 211 3.83 -13.64 0.01
C LEU A 211 4.01 -14.66 -1.11
N PRO A 212 3.19 -14.65 -2.16
CA PRO A 212 3.35 -15.63 -3.23
C PRO A 212 4.68 -15.43 -3.96
N ALA A 213 5.16 -16.52 -4.57
CA ALA A 213 6.49 -16.50 -5.17
C ALA A 213 6.58 -15.57 -6.37
N SER A 214 5.46 -15.32 -7.06
CA SER A 214 5.49 -14.43 -8.21
C SER A 214 5.73 -12.99 -7.79
N ALA A 215 5.34 -12.61 -6.57
CA ALA A 215 5.67 -11.30 -6.03
C ALA A 215 6.97 -11.31 -5.24
N ARG A 216 7.56 -12.49 -5.01
CA ARG A 216 8.83 -12.57 -4.29
C ARG A 216 10.02 -12.22 -5.17
N THR A 217 9.84 -12.16 -6.49
CA THR A 217 10.94 -11.85 -7.39
C THR A 217 11.30 -10.38 -7.30
N GLY A 218 12.57 -10.09 -7.02
CA GLY A 218 13.04 -8.73 -6.90
C GLY A 218 12.35 -7.94 -5.82
N SER A 219 12.55 -8.36 -4.56
CA SER A 219 11.87 -7.74 -3.43
C SER A 219 12.81 -7.18 -2.36
N ARG A 220 14.11 -7.48 -2.44
CA ARG A 220 15.05 -6.94 -1.46
C ARG A 220 15.21 -5.44 -1.60
N GLU A 221 14.92 -4.88 -2.78
CA GLU A 221 15.09 -3.45 -3.02
C GLU A 221 14.06 -2.61 -2.30
N PHE A 222 13.00 -3.21 -1.75
CA PHE A 222 11.92 -2.46 -1.13
C PHE A 222 12.17 -2.22 0.34
N MET A 223 11.57 -1.14 0.86
CA MET A 223 11.49 -0.87 2.28
C MET A 223 10.19 -1.36 2.90
N LEU A 224 9.24 -1.62 2.07
CA LEU A 224 7.97 -2.01 2.56
C LEU A 224 7.23 -2.45 1.36
N HIS A 225 7.23 -3.74 1.09
CA HIS A 225 6.56 -4.33 -0.04
C HIS A 225 5.19 -3.83 -0.28
N PRO A 226 4.90 -3.49 -1.52
CA PRO A 226 3.62 -2.92 -1.84
C PRO A 226 2.56 -3.94 -2.00
N VAL A 227 2.89 -5.21 -2.19
CA VAL A 227 1.83 -6.16 -2.35
C VAL A 227 1.33 -6.63 -1.02
N MET A 228 2.23 -6.73 -0.06
CA MET A 228 1.82 -7.20 1.23
C MET A 228 0.86 -6.22 1.80
N MET A 229 1.23 -4.96 1.77
CA MET A 229 0.38 -3.94 2.30
C MET A 229 -0.94 -3.92 1.64
N ASP A 230 -1.01 -4.34 0.40
CA ASP A 230 -2.31 -4.40 -0.19
C ASP A 230 -2.91 -5.67 0.33
N ILE A 231 -2.10 -6.70 0.39
CA ILE A 231 -2.67 -7.96 0.84
C ILE A 231 -3.25 -7.81 2.24
N ALA A 232 -2.59 -7.02 3.08
CA ALA A 232 -3.14 -6.70 4.39
C ALA A 232 -4.43 -5.89 4.26
N LEU A 233 -4.49 -5.02 3.25
CA LEU A 233 -5.67 -4.15 3.11
C LEU A 233 -6.88 -4.94 2.63
N GLN A 234 -6.69 -5.88 1.70
CA GLN A 234 -7.84 -6.61 1.16
C GLN A 234 -8.53 -7.48 2.21
N THR A 235 -7.95 -7.61 3.40
CA THR A 235 -8.65 -8.25 4.50
C THR A 235 -9.90 -7.47 4.91
N LEU A 236 -9.99 -6.20 4.52
CA LEU A 236 -11.19 -5.42 4.77
C LEU A 236 -12.38 -5.88 3.93
N GLY A 237 -12.13 -6.66 2.88
CA GLY A 237 -13.21 -7.19 2.08
C GLY A 237 -14.06 -8.24 2.79
N ALA A 238 -13.60 -8.74 3.93
CA ALA A 238 -14.34 -9.72 4.72
C ALA A 238 -15.05 -9.11 5.92
N THR A 239 -14.70 -7.87 6.29
CA THR A 239 -15.35 -7.20 7.41
C THR A 239 -16.84 -7.06 7.16
N ARG A 240 -17.59 -6.86 8.26
CA ARG A 240 -19.05 -6.90 8.17
C ARG A 240 -19.58 -5.79 7.27
N THR A 241 -19.17 -4.53 7.52
CA THR A 241 -19.68 -3.42 6.73
C THR A 241 -19.43 -3.60 5.25
N ALA A 242 -18.30 -4.23 4.89
CA ALA A 242 -18.04 -4.53 3.49
C ALA A 242 -18.92 -5.67 2.99
N THR A 243 -19.08 -6.72 3.81
CA THR A 243 -19.76 -7.93 3.37
C THR A 243 -21.28 -7.80 3.44
N ASP A 244 -21.82 -6.70 2.90
CA ASP A 244 -23.26 -6.61 2.68
C ASP A 244 -23.60 -5.63 1.56
N LEU A 245 -22.65 -5.31 0.69
CA LEU A 245 -22.86 -4.36 -0.39
C LEU A 245 -23.15 -5.05 -1.71
N ALA A 246 -23.89 -6.16 -1.68
CA ALA A 246 -24.21 -6.89 -2.90
C ALA A 246 -25.59 -7.54 -2.80
N LEU A 261 -17.31 -1.49 -6.10
CA LEU A 261 -15.92 -1.69 -5.68
C LEU A 261 -15.42 -0.52 -4.83
N VAL A 262 -14.77 -0.84 -3.71
CA VAL A 262 -14.26 0.16 -2.78
C VAL A 262 -12.78 0.40 -3.07
N VAL A 263 -12.39 1.67 -3.08
CA VAL A 263 -10.98 2.04 -3.28
C VAL A 263 -10.50 2.84 -2.09
N PRO A 264 -9.23 2.71 -1.70
CA PRO A 264 -8.69 3.53 -0.61
C PRO A 264 -8.23 4.89 -1.13
N VAL A 265 -8.73 5.96 -0.51
CA VAL A 265 -8.40 7.32 -0.93
C VAL A 265 -7.30 7.91 -0.06
N ARG A 266 -7.43 7.81 1.26
CA ARG A 266 -6.51 8.46 2.18
C ARG A 266 -6.12 7.48 3.29
N PHE A 267 -4.83 7.45 3.59
CA PHE A 267 -4.31 6.72 4.75
C PHE A 267 -3.92 7.70 5.84
N ALA A 268 -3.60 7.15 7.01
CA ALA A 268 -3.16 7.95 8.14
C ALA A 268 -2.51 7.04 9.17
N GLY A 269 -1.30 7.40 9.61
CA GLY A 269 -0.60 6.62 10.61
C GLY A 269 -0.22 5.23 10.14
N VAL A 270 0.69 5.16 9.17
CA VAL A 270 1.22 3.90 8.68
C VAL A 270 2.56 3.67 9.35
N HIS A 271 2.62 2.70 10.26
CA HIS A 271 3.81 2.40 11.03
C HIS A 271 4.41 1.09 10.52
N VAL A 272 5.73 1.10 10.28
CA VAL A 272 6.47 -0.08 9.91
C VAL A 272 7.56 -0.30 10.95
N TYR A 273 7.69 -1.53 11.40
CA TYR A 273 8.63 -1.85 12.43
C TYR A 273 9.62 -2.87 11.97
N GLY A 274 9.20 -3.75 11.11
CA GLY A 274 10.10 -4.75 10.61
C GLY A 274 9.92 -5.02 9.16
N ASP A 275 10.69 -5.95 8.66
CA ASP A 275 10.57 -6.34 7.30
C ASP A 275 9.22 -6.95 7.27
N ILE A 276 8.34 -6.43 6.45
CA ILE A 276 6.99 -6.95 6.43
C ILE A 276 6.77 -8.17 5.60
N THR A 277 7.80 -8.72 5.00
CA THR A 277 7.64 -9.92 4.22
C THR A 277 7.43 -11.11 5.14
N ARG A 278 7.97 -11.05 6.34
CA ARG A 278 7.80 -12.06 7.33
C ARG A 278 6.52 -11.76 8.06
N GLY A 279 5.40 -12.06 7.45
CA GLY A 279 4.11 -11.80 8.05
C GLY A 279 3.22 -12.93 7.66
N VAL A 280 2.39 -13.37 8.58
CA VAL A 280 1.49 -14.47 8.26
C VAL A 280 0.08 -14.24 8.71
N ARG A 281 -0.16 -13.15 9.41
CA ARG A 281 -1.53 -12.92 9.86
C ARG A 281 -1.84 -11.44 9.82
N ALA A 282 -3.04 -11.10 9.34
CA ALA A 282 -3.51 -9.72 9.27
C ALA A 282 -4.91 -9.64 9.87
N VAL A 283 -5.13 -8.66 10.73
CA VAL A 283 -6.41 -8.48 11.41
C VAL A 283 -7.03 -7.21 10.87
N GLY A 284 -8.16 -7.35 10.19
CA GLY A 284 -8.81 -6.23 9.51
C GLY A 284 -10.14 -5.86 10.12
N SER A 285 -10.35 -4.56 10.29
CA SER A 285 -11.60 -4.03 10.83
C SER A 285 -11.87 -2.69 10.19
N LEU A 286 -13.16 -2.37 10.02
CA LEU A 286 -13.54 -1.07 9.49
C LEU A 286 -14.94 -0.72 9.95
N ALA A 287 -15.24 0.57 9.90
CA ALA A 287 -16.57 1.10 10.20
C ALA A 287 -17.04 1.91 8.99
N ALA A 288 -18.11 2.68 9.19
CA ALA A 288 -18.66 3.50 8.11
C ALA A 288 -19.15 4.83 8.67
N ALA A 289 -19.24 5.82 7.79
CA ALA A 289 -19.82 7.12 8.12
C ALA A 289 -20.39 7.75 6.85
N GLY A 290 -21.51 7.22 6.38
CA GLY A 290 -22.05 7.65 5.11
C GLY A 290 -21.15 7.24 3.96
N ASP A 291 -20.35 8.17 3.46
CA ASP A 291 -19.37 7.90 2.42
C ASP A 291 -17.95 7.75 2.98
N ARG A 292 -17.82 7.66 4.29
CA ARG A 292 -16.53 7.64 4.97
C ARG A 292 -16.33 6.26 5.61
N LEU A 293 -15.86 5.31 4.80
CA LEU A 293 -15.56 3.96 5.28
C LEU A 293 -14.15 3.97 5.85
N VAL A 294 -14.05 4.20 7.15
CA VAL A 294 -12.77 4.21 7.85
C VAL A 294 -12.40 2.79 8.24
N GLY A 295 -11.11 2.44 8.09
CA GLY A 295 -10.64 1.11 8.38
C GLY A 295 -9.43 1.12 9.31
N GLU A 296 -8.92 -0.09 9.56
CA GLU A 296 -7.76 -0.31 10.42
C GLU A 296 -7.27 -1.75 10.32
N VAL A 297 -6.07 -1.95 9.79
CA VAL A 297 -5.49 -3.28 9.65
C VAL A 297 -4.14 -3.32 10.34
N VAL A 298 -3.73 -4.52 10.73
CA VAL A 298 -2.44 -4.77 11.38
C VAL A 298 -1.90 -6.10 10.88
N LEU A 299 -0.67 -6.10 10.41
CA LEU A 299 0.01 -7.30 9.93
C LEU A 299 1.04 -7.75 10.95
N THR A 300 0.94 -9.02 11.37
CA THR A 300 1.80 -9.56 12.41
C THR A 300 2.48 -10.83 11.91
N ASP A 301 3.62 -11.13 12.52
CA ASP A 301 4.44 -12.29 12.14
C ASP A 301 3.93 -13.54 12.87
N ALA A 302 4.75 -14.60 12.86
CA ALA A 302 4.35 -15.85 13.48
C ALA A 302 4.21 -15.70 14.99
N ASN A 303 5.22 -15.12 15.65
CA ASN A 303 5.23 -14.96 17.09
C ASN A 303 4.35 -13.79 17.56
N GLY A 304 3.37 -13.37 16.77
CA GLY A 304 2.41 -12.37 17.17
C GLY A 304 2.94 -10.95 17.25
N GLN A 305 4.22 -10.72 16.96
CA GLN A 305 4.76 -9.38 17.03
C GLN A 305 4.21 -8.52 15.89
N PRO A 306 3.96 -7.24 16.12
CA PRO A 306 3.44 -6.38 15.05
C PRO A 306 4.51 -5.99 14.05
N LEU A 307 4.09 -5.85 12.80
CA LEU A 307 4.96 -5.46 11.70
C LEU A 307 4.45 -4.25 10.95
N LEU A 308 3.15 -4.19 10.68
CA LEU A 308 2.53 -3.10 9.92
C LEU A 308 1.29 -2.63 10.68
N VAL A 309 1.25 -1.35 11.01
CA VAL A 309 0.12 -0.76 11.71
C VAL A 309 -0.42 0.38 10.86
N VAL A 310 -1.67 0.25 10.43
CA VAL A 310 -2.34 1.28 9.65
C VAL A 310 -3.52 1.78 10.47
N ASP A 311 -3.43 3.03 10.94
CA ASP A 311 -4.43 3.55 11.86
C ASP A 311 -5.75 3.86 11.15
N GLU A 312 -5.69 4.59 10.04
CA GLU A 312 -6.88 4.99 9.31
C GLU A 312 -6.70 4.65 7.84
N VAL A 313 -7.68 3.92 7.29
CA VAL A 313 -7.68 3.58 5.87
C VAL A 313 -9.00 4.04 5.27
N GLU A 314 -9.22 5.37 5.27
CA GLU A 314 -10.46 5.92 4.73
C GLU A 314 -10.65 5.50 3.29
N MET A 315 -11.83 4.98 2.97
CA MET A 315 -12.12 4.43 1.65
C MET A 315 -13.38 5.09 1.08
N ALA A 316 -13.59 4.84 -0.21
CA ALA A 316 -14.77 5.35 -0.90
C ALA A 316 -15.00 4.46 -2.13
N VAL A 317 -16.13 4.71 -2.80
CA VAL A 317 -16.50 3.94 -3.98
C VAL A 317 -15.64 4.34 -5.18
C13 COO B . -11.21 10.16 -5.60
C11 COO B . -12.64 9.76 -5.90
C14 COO B . -12.83 9.59 -7.40
C12 COO B . -13.60 10.82 -5.38
O6A COO B . -13.66 11.91 -6.29
P2A COO B . -13.18 13.38 -5.85
O4A COO B . -14.40 14.25 -5.71
O5A COO B . -12.05 13.80 -6.75
O3A COO B . -12.57 13.12 -4.37
P1A COO B . -11.25 13.90 -3.89
O2A COO B . -11.19 15.22 -4.62
O1A COO B . -10.08 12.95 -3.96
O5X COO B . -11.57 14.20 -2.34
C5X COO B . -12.86 13.93 -1.80
C4X COO B . -13.70 15.20 -1.84
O4X COO B . -12.94 16.30 -1.34
C3X COO B . -14.12 15.53 -3.27
O3X COO B . -15.55 15.46 -3.37
P3X COO B . -16.29 14.04 -3.43
O9A COO B . -17.19 14.16 -4.65
O7A COO B . -17.03 13.95 -2.12
O8A COO B . -15.17 13.04 -3.59
C2X COO B . -13.55 16.92 -3.56
O2X COO B . -14.53 17.90 -3.90
C1X COO B . -12.81 17.34 -2.29
N9A COO B . -11.38 17.56 -2.61
C8A COO B . -10.35 16.78 -2.21
N7A COO B . -9.16 17.25 -2.66
C5A COO B . -9.42 18.37 -3.36
C4A COO B . -10.88 18.57 -3.33
N3A COO B . -11.40 19.64 -3.97
C2A COO B . -10.61 20.51 -4.63
N1A COO B . -9.28 20.39 -4.70
C6A COO B . -8.62 19.37 -4.11
N6A COO B . -7.26 19.26 -4.20
O1 COO B . -10.98 11.50 -6.07
C1 COO B . -10.26 9.24 -6.30
O2 COO B . -10.62 8.12 -6.63
N1 COO B . -9.03 9.70 -6.54
C2 COO B . -7.88 8.82 -6.52
C3 COO B . -8.14 7.55 -5.72
C4 COO B . -7.16 6.49 -6.14
O3 COO B . -7.44 5.70 -7.04
N2 COO B . -6.01 6.44 -5.48
C5 COO B . -5.89 5.77 -4.20
C6 COO B . -5.87 4.25 -4.35
S1 COO B . -5.19 3.83 -5.92
C7 COO B . -5.72 2.26 -6.05
O4 COO B . -5.15 1.36 -5.45
C8 COO B . -6.89 1.95 -6.90
C9 COO B . -7.86 1.16 -6.43
C10 COO B . -7.76 0.58 -5.05
C15 COO B . -12.93 8.43 -5.21
#